data_6NNQ
#
_entry.id   6NNQ
#
_cell.length_a   98.732
_cell.length_b   98.732
_cell.length_c   101.805
_cell.angle_alpha   90.00
_cell.angle_beta   90.00
_cell.angle_gamma   90.00
#
_symmetry.space_group_name_H-M   'P 43 2 2'
#
loop_
_entity.id
_entity.type
_entity.pdbx_description
1 polymer 'Sentrin-specific protease 1'
2 polymer 'Small ubiquitin-related modifier 3'
3 water water
#
loop_
_entity_poly.entity_id
_entity_poly.type
_entity_poly.pdbx_seq_one_letter_code
_entity_poly.pdbx_strand_id
1 'polypeptide(L)'
;APEITEEMEKEIKNVFRNGNQDEVLSEAFRLTITRKDIQTLNHLNWLNDEIINFYMNMLMERSKEKGLPSVHAFNTFFFT
KLKTAGYQAVKRWTKKVDVFSVDILLVPIHLGVHWCLAVVDFRKKNITYYDSMGGINNEACRILLQYLKQESIDKKRKEF
DTNGWQLFSKKSQIPQQMNGSDCGMFACKYADCITKDRPINFTQQHMPYFRKRMVWEILHRKLL
;
A
2 'polypeptide(L)' DHINLKVAGQDGSVVQFKIKRHTPLSKLMKAYCERQGLSMRQIRFRFDGQPINETDTPAQLEMEDEDTIDVFQQQTGG B
#
# COMPACT_ATOMS: atom_id res chain seq x y z
N ALA A 1 -5.20 20.46 8.28
CA ALA A 1 -5.58 21.22 7.08
C ALA A 1 -4.59 22.34 6.73
N PRO A 2 -4.19 23.20 7.70
CA PRO A 2 -3.24 24.27 7.36
C PRO A 2 -1.80 23.83 7.51
N GLU A 3 -1.12 24.34 8.55
CA GLU A 3 0.28 24.05 8.85
C GLU A 3 1.21 24.65 7.80
N ILE A 4 2.41 25.02 8.21
CA ILE A 4 3.16 26.09 7.55
C ILE A 4 4.16 25.54 6.55
N THR A 5 5.01 24.59 6.97
CA THR A 5 6.28 24.22 6.34
C THR A 5 7.32 25.28 6.67
N GLU A 6 8.26 24.92 7.54
CA GLU A 6 9.15 25.88 8.21
C GLU A 6 10.53 25.80 7.55
N GLU A 7 11.62 25.62 8.29
CA GLU A 7 12.91 25.19 7.77
C GLU A 7 12.86 23.81 7.12
N MET A 8 11.68 23.20 7.04
CA MET A 8 11.53 21.93 6.34
C MET A 8 11.81 22.08 4.84
N GLU A 9 11.55 23.26 4.27
CA GLU A 9 11.79 23.48 2.86
C GLU A 9 13.25 23.20 2.50
N LYS A 10 14.17 23.63 3.37
CA LYS A 10 15.57 23.29 3.18
C LYS A 10 15.79 21.78 3.26
N GLU A 11 15.13 21.13 4.23
CA GLU A 11 15.22 19.68 4.33
C GLU A 11 14.59 18.98 3.14
N ILE A 12 13.48 19.54 2.63
CA ILE A 12 12.84 18.96 1.46
C ILE A 12 13.71 19.12 0.22
N LYS A 13 14.31 20.30 0.05
CA LYS A 13 15.20 20.53 -1.08
C LYS A 13 16.47 19.70 -0.96
N ASN A 14 16.87 19.34 0.26
CA ASN A 14 18.10 18.58 0.46
C ASN A 14 18.00 17.19 -0.16
N VAL A 15 16.85 16.53 0.00
CA VAL A 15 16.67 15.19 -0.57
C VAL A 15 16.13 15.23 -1.99
N PHE A 16 15.54 16.35 -2.40
CA PHE A 16 15.08 16.46 -3.79
C PHE A 16 16.26 16.54 -4.75
N ARG A 17 17.28 17.29 -4.34
CA ARG A 17 18.47 17.42 -5.18
C ARG A 17 19.09 16.04 -5.35
N ASN A 18 19.93 15.88 -6.36
CA ASN A 18 20.52 14.57 -6.71
C ASN A 18 21.54 14.10 -5.68
N GLY A 19 21.47 12.80 -5.37
CA GLY A 19 22.34 11.99 -4.52
C GLY A 19 22.38 10.57 -5.06
N ASN A 20 23.10 9.64 -4.45
CA ASN A 20 23.01 8.34 -5.11
C ASN A 20 21.64 7.75 -4.82
N GLN A 21 21.00 7.21 -5.86
CA GLN A 21 19.71 6.59 -5.68
C GLN A 21 19.86 5.31 -4.87
N ASP A 22 18.71 4.72 -4.51
CA ASP A 22 18.65 3.48 -3.72
C ASP A 22 19.16 3.67 -2.31
N GLU A 23 19.68 4.85 -1.99
CA GLU A 23 20.09 5.17 -0.62
C GLU A 23 18.85 5.29 0.25
N VAL A 24 18.76 4.46 1.30
CA VAL A 24 17.54 4.40 2.08
C VAL A 24 17.41 5.62 2.98
N LEU A 25 16.21 6.19 3.01
CA LEU A 25 15.83 7.23 3.96
C LEU A 25 14.47 6.86 4.53
N SER A 26 14.29 7.08 5.84
CA SER A 26 13.04 6.74 6.52
C SER A 26 12.77 5.24 6.49
N GLU A 27 12.85 4.59 7.65
CA GLU A 27 12.53 3.17 7.78
C GLU A 27 11.56 2.98 8.92
N ALA A 28 10.39 2.42 8.61
CA ALA A 28 9.41 2.04 9.62
C ALA A 28 8.55 0.93 9.04
N PHE A 29 7.91 0.17 9.92
CA PHE A 29 7.04 -0.94 9.52
C PHE A 29 7.77 -1.94 8.65
N ARG A 30 9.08 -2.10 8.89
CA ARG A 30 9.94 -2.97 8.08
C ARG A 30 9.90 -2.57 6.61
N LEU A 31 9.83 -1.27 6.35
CA LEU A 31 9.78 -0.72 5.00
C LEU A 31 10.82 0.39 4.86
N THR A 32 11.37 0.52 3.66
CA THR A 32 12.38 1.52 3.35
C THR A 32 11.91 2.41 2.21
N ILE A 33 12.34 3.67 2.25
CA ILE A 33 12.03 4.65 1.22
C ILE A 33 13.36 5.13 0.65
N THR A 34 13.73 4.61 -0.51
CA THR A 34 15.00 4.99 -1.11
C THR A 34 14.92 6.42 -1.66
N ARG A 35 16.08 6.93 -2.07
CA ARG A 35 16.11 8.24 -2.72
C ARG A 35 15.33 8.25 -4.02
N LYS A 36 15.31 7.11 -4.72
CA LYS A 36 14.49 7.01 -5.92
C LYS A 36 13.00 7.10 -5.60
N ASP A 37 12.59 6.54 -4.45
CA ASP A 37 11.19 6.56 -4.07
C ASP A 37 10.69 7.98 -3.82
N ILE A 38 11.42 8.73 -3.00
CA ILE A 38 11.00 10.10 -2.67
C ILE A 38 11.06 11.01 -3.88
N GLN A 39 11.83 10.65 -4.91
CA GLN A 39 11.88 11.44 -6.14
C GLN A 39 10.55 11.47 -6.87
N THR A 40 9.68 10.49 -6.63
CA THR A 40 8.37 10.47 -7.27
C THR A 40 7.43 11.55 -6.75
N LEU A 41 7.76 12.19 -5.63
CA LEU A 41 6.97 13.30 -5.10
C LEU A 41 7.43 14.65 -5.63
N ASN A 42 8.56 14.70 -6.32
CA ASN A 42 9.08 15.95 -6.85
C ASN A 42 8.35 16.34 -8.13
N HIS A 43 8.22 17.65 -8.34
CA HIS A 43 7.53 18.20 -9.51
C HIS A 43 6.15 17.61 -9.67
N LEU A 44 5.88 17.01 -10.83
CA LEU A 44 4.63 16.32 -11.11
C LEU A 44 4.89 14.87 -11.49
N ASN A 45 5.81 14.23 -10.76
CA ASN A 45 6.17 12.85 -11.05
C ASN A 45 5.09 11.89 -10.54
N TRP A 46 5.01 10.73 -11.19
CA TRP A 46 4.04 9.72 -10.81
C TRP A 46 4.48 9.02 -9.53
N LEU A 47 3.60 9.00 -8.53
CA LEU A 47 3.88 8.30 -7.29
C LEU A 47 3.98 6.80 -7.53
N ASN A 48 4.83 6.15 -6.75
CA ASN A 48 5.04 4.71 -6.85
C ASN A 48 4.44 4.00 -5.64
N ASP A 49 4.56 2.68 -5.64
CA ASP A 49 3.92 1.87 -4.60
C ASP A 49 4.60 2.05 -3.25
N GLU A 50 5.92 2.26 -3.24
CA GLU A 50 6.63 2.38 -1.97
C GLU A 50 6.19 3.61 -1.20
N ILE A 51 5.93 4.71 -1.89
CA ILE A 51 5.49 5.94 -1.22
C ILE A 51 4.08 5.77 -0.68
N ILE A 52 3.19 5.15 -1.46
CA ILE A 52 1.80 5.04 -1.06
C ILE A 52 1.65 4.08 0.11
N ASN A 53 2.27 2.90 0.02
CA ASN A 53 2.15 1.92 1.09
C ASN A 53 2.79 2.43 2.38
N PHE A 54 3.88 3.18 2.28
CA PHE A 54 4.48 3.78 3.46
C PHE A 54 3.53 4.78 4.11
N TYR A 55 2.82 5.57 3.29
CA TYR A 55 1.89 6.55 3.83
C TYR A 55 0.68 5.86 4.46
N MET A 56 0.19 4.79 3.84
CA MET A 56 -0.94 4.06 4.40
C MET A 56 -0.59 3.47 5.76
N ASN A 57 0.64 2.98 5.92
CA ASN A 57 1.06 2.43 7.20
C ASN A 57 1.18 3.53 8.25
N MET A 58 1.49 4.76 7.84
CA MET A 58 1.52 5.86 8.79
C MET A 58 0.11 6.22 9.25
N LEU A 59 -0.85 6.24 8.33
CA LEU A 59 -2.25 6.38 8.73
C LEU A 59 -2.68 5.24 9.63
N MET A 60 -2.22 4.02 9.33
CA MET A 60 -2.49 2.88 10.19
C MET A 60 -1.91 3.09 11.59
N GLU A 61 -0.72 3.69 11.66
CA GLU A 61 -0.11 3.95 12.96
C GLU A 61 -0.88 5.01 13.74
N ARG A 62 -1.42 6.01 13.04
CA ARG A 62 -2.22 7.04 13.69
C ARG A 62 -3.58 6.53 14.14
N SER A 63 -4.09 5.47 13.51
CA SER A 63 -5.41 4.96 13.83
C SER A 63 -5.51 4.44 15.27
N LYS A 64 -4.37 4.10 15.88
CA LYS A 64 -4.40 3.58 17.25
C LYS A 64 -4.70 4.66 18.28
N GLU A 65 -4.70 5.93 17.90
CA GLU A 65 -4.96 7.01 18.83
C GLU A 65 -6.45 7.08 19.19
N LYS A 66 -6.72 7.60 20.38
CA LYS A 66 -8.10 7.79 20.82
C LYS A 66 -8.80 8.82 19.96
N GLY A 67 -10.10 8.65 19.80
CA GLY A 67 -10.91 9.57 19.01
C GLY A 67 -10.80 9.40 17.52
N LEU A 68 -10.13 8.35 17.05
CA LEU A 68 -10.00 8.08 15.63
C LEU A 68 -10.40 6.64 15.35
N PRO A 69 -10.95 6.37 14.16
CA PRO A 69 -11.32 4.98 13.84
C PRO A 69 -10.09 4.12 13.60
N SER A 70 -10.17 2.87 14.05
CA SER A 70 -9.11 1.92 13.79
C SER A 70 -9.08 1.56 12.32
N VAL A 71 -7.87 1.45 11.76
CA VAL A 71 -7.68 1.32 10.32
C VAL A 71 -6.74 0.16 10.05
N HIS A 72 -7.08 -0.65 9.05
CA HIS A 72 -6.15 -1.62 8.46
C HIS A 72 -6.08 -1.35 6.96
N ALA A 73 -4.87 -1.14 6.46
CA ALA A 73 -4.65 -0.80 5.06
C ALA A 73 -3.99 -1.98 4.35
N PHE A 74 -4.63 -2.50 3.32
CA PHE A 74 -4.00 -3.48 2.46
C PHE A 74 -2.90 -2.83 1.64
N ASN A 75 -1.90 -3.64 1.26
CA ASN A 75 -0.87 -3.13 0.38
C ASN A 75 -1.42 -2.96 -1.03
N THR A 76 -0.71 -2.19 -1.84
CA THR A 76 -1.19 -1.82 -3.17
C THR A 76 -1.25 -3.00 -4.14
N PHE A 77 -0.73 -4.17 -3.76
CA PHE A 77 -0.81 -5.36 -4.60
C PHE A 77 -2.03 -6.22 -4.29
N PHE A 78 -2.80 -5.88 -3.26
CA PHE A 78 -3.87 -6.76 -2.79
C PHE A 78 -5.01 -6.83 -3.80
N PHE A 79 -5.61 -5.67 -4.12
CA PHE A 79 -6.79 -5.67 -4.98
C PHE A 79 -6.48 -6.24 -6.35
N THR A 80 -5.34 -5.87 -6.93
CA THR A 80 -4.96 -6.42 -8.23
C THR A 80 -4.85 -7.94 -8.19
N LYS A 81 -4.26 -8.47 -7.12
CA LYS A 81 -4.14 -9.93 -7.00
C LYS A 81 -5.50 -10.57 -6.78
N LEU A 82 -6.34 -9.97 -5.94
CA LEU A 82 -7.64 -10.57 -5.63
C LEU A 82 -8.55 -10.58 -6.84
N LYS A 83 -8.56 -9.49 -7.62
CA LYS A 83 -9.47 -9.42 -8.76
C LYS A 83 -9.05 -10.36 -9.89
N THR A 84 -7.74 -10.56 -10.06
CA THR A 84 -7.26 -11.35 -11.18
C THR A 84 -7.08 -12.83 -10.85
N ALA A 85 -6.87 -13.16 -9.58
CA ALA A 85 -6.56 -14.54 -9.20
C ALA A 85 -7.55 -15.16 -8.22
N GLY A 86 -8.48 -14.39 -7.67
CA GLY A 86 -9.50 -14.91 -6.78
C GLY A 86 -9.11 -14.76 -5.31
N TYR A 87 -10.06 -15.14 -4.45
CA TYR A 87 -9.87 -14.96 -3.02
C TYR A 87 -8.79 -15.88 -2.46
N GLN A 88 -8.74 -17.12 -2.94
CA GLN A 88 -7.80 -18.09 -2.38
C GLN A 88 -6.35 -17.70 -2.63
N ALA A 89 -6.09 -16.80 -3.58
CA ALA A 89 -4.74 -16.29 -3.79
C ALA A 89 -4.33 -15.27 -2.74
N VAL A 90 -5.31 -14.59 -2.11
CA VAL A 90 -5.04 -13.59 -1.09
C VAL A 90 -5.63 -13.99 0.25
N LYS A 91 -6.17 -15.20 0.36
CA LYS A 91 -6.84 -15.62 1.60
C LYS A 91 -5.88 -15.66 2.77
N ARG A 92 -4.59 -15.88 2.52
CA ARG A 92 -3.60 -16.04 3.57
C ARG A 92 -2.80 -14.77 3.83
N TRP A 93 -3.17 -13.65 3.19
CA TRP A 93 -2.53 -12.38 3.48
C TRP A 93 -3.03 -11.76 4.78
N THR A 94 -4.12 -12.29 5.35
CA THR A 94 -4.75 -11.74 6.54
C THR A 94 -4.82 -12.79 7.65
N LYS A 95 -3.76 -13.58 7.80
CA LYS A 95 -3.74 -14.59 8.85
C LYS A 95 -3.27 -14.05 10.18
N LYS A 96 -2.80 -12.80 10.23
CA LYS A 96 -2.47 -12.13 11.49
C LYS A 96 -3.34 -10.90 11.70
N VAL A 97 -4.33 -10.68 10.84
CA VAL A 97 -5.19 -9.50 10.91
C VAL A 97 -6.64 -9.95 10.84
N ASP A 98 -7.42 -9.56 11.84
CA ASP A 98 -8.87 -9.77 11.81
C ASP A 98 -9.51 -8.51 11.26
N VAL A 99 -9.85 -8.54 9.96
CA VAL A 99 -10.36 -7.35 9.29
C VAL A 99 -11.71 -6.91 9.85
N PHE A 100 -12.39 -7.77 10.59
CA PHE A 100 -13.67 -7.43 11.18
C PHE A 100 -13.56 -6.83 12.57
N SER A 101 -12.34 -6.58 13.04
CA SER A 101 -12.11 -5.92 14.32
C SER A 101 -11.77 -4.45 14.17
N VAL A 102 -11.57 -3.96 12.95
CA VAL A 102 -11.24 -2.58 12.71
C VAL A 102 -12.49 -1.85 12.23
N ASP A 103 -12.41 -0.52 12.17
CA ASP A 103 -13.52 0.29 11.68
C ASP A 103 -13.43 0.57 10.19
N ILE A 104 -12.22 0.76 9.66
CA ILE A 104 -12.02 1.18 8.28
C ILE A 104 -10.96 0.29 7.65
N LEU A 105 -11.24 -0.18 6.43
CA LEU A 105 -10.29 -0.93 5.62
C LEU A 105 -9.87 -0.07 4.44
N LEU A 106 -8.57 0.21 4.33
CA LEU A 106 -8.04 1.00 3.23
C LEU A 106 -7.54 0.07 2.13
N VAL A 107 -8.09 0.22 0.93
CA VAL A 107 -7.71 -0.61 -0.20
C VAL A 107 -7.18 0.28 -1.32
N PRO A 108 -5.89 0.58 -1.34
CA PRO A 108 -5.33 1.32 -2.49
C PRO A 108 -5.33 0.45 -3.74
N ILE A 109 -5.81 1.02 -4.84
CA ILE A 109 -6.02 0.28 -6.08
C ILE A 109 -5.10 0.85 -7.15
N HIS A 110 -4.27 0.00 -7.74
CA HIS A 110 -3.41 0.38 -8.85
C HIS A 110 -4.05 -0.07 -10.16
N LEU A 111 -4.18 0.86 -11.11
CA LEU A 111 -4.82 0.57 -12.38
C LEU A 111 -3.84 0.74 -13.54
N GLY A 112 -2.68 0.12 -13.44
CA GLY A 112 -1.69 0.19 -14.50
C GLY A 112 -0.94 1.51 -14.57
N VAL A 113 -1.67 2.58 -14.86
CA VAL A 113 -1.09 3.91 -14.97
C VAL A 113 -1.90 4.88 -14.13
N HIS A 114 -2.65 4.36 -13.16
CA HIS A 114 -3.60 5.15 -12.41
C HIS A 114 -3.77 4.58 -11.01
N TRP A 115 -3.93 5.46 -10.04
CA TRP A 115 -4.18 5.10 -8.65
C TRP A 115 -5.62 5.44 -8.27
N CYS A 116 -6.19 4.62 -7.38
CA CYS A 116 -7.54 4.87 -6.89
C CYS A 116 -7.67 4.21 -5.53
N LEU A 117 -8.72 4.61 -4.80
CA LEU A 117 -8.91 4.19 -3.41
C LEU A 117 -10.30 3.63 -3.21
N ALA A 118 -10.38 2.43 -2.65
CA ALA A 118 -11.62 1.83 -2.18
C ALA A 118 -11.55 1.69 -0.67
N VAL A 119 -12.64 2.05 0.02
CA VAL A 119 -12.67 2.08 1.47
C VAL A 119 -13.85 1.25 1.97
N VAL A 120 -13.59 0.39 2.95
CA VAL A 120 -14.61 -0.35 3.66
C VAL A 120 -14.77 0.28 5.04
N ASP A 121 -15.99 0.75 5.34
CA ASP A 121 -16.28 1.39 6.61
C ASP A 121 -17.34 0.54 7.32
N PHE A 122 -16.90 -0.30 8.26
CA PHE A 122 -17.82 -1.16 8.98
C PHE A 122 -18.78 -0.38 9.86
N ARG A 123 -18.44 0.85 10.25
CA ARG A 123 -19.37 1.69 11.01
C ARG A 123 -20.55 2.08 10.14
N LYS A 124 -20.30 2.74 9.01
CA LYS A 124 -21.36 3.13 8.09
C LYS A 124 -21.89 1.96 7.27
N LYS A 125 -21.22 0.81 7.31
CA LYS A 125 -21.54 -0.32 6.43
C LYS A 125 -21.50 0.11 4.96
N ASN A 126 -20.38 0.70 4.57
CA ASN A 126 -20.20 1.24 3.23
C ASN A 126 -18.92 0.69 2.60
N ILE A 127 -18.98 0.49 1.29
CA ILE A 127 -17.80 0.17 0.48
C ILE A 127 -17.77 1.21 -0.62
N THR A 128 -16.94 2.24 -0.45
CA THR A 128 -16.92 3.40 -1.33
C THR A 128 -15.69 3.36 -2.24
N TYR A 129 -15.86 3.80 -3.48
CA TYR A 129 -14.78 3.91 -4.44
C TYR A 129 -14.49 5.38 -4.72
N TYR A 130 -13.22 5.76 -4.65
CA TYR A 130 -12.80 7.15 -4.82
C TYR A 130 -11.88 7.24 -6.03
N ASP A 131 -12.31 7.99 -7.05
CA ASP A 131 -11.52 8.22 -8.24
C ASP A 131 -11.42 9.72 -8.47
N SER A 132 -10.20 10.26 -8.41
CA SER A 132 -9.98 11.68 -8.68
C SER A 132 -10.16 12.03 -10.15
N MET A 133 -10.32 11.04 -11.03
CA MET A 133 -10.61 11.27 -12.43
C MET A 133 -12.09 11.09 -12.77
N GLY A 134 -12.93 10.85 -11.76
CA GLY A 134 -14.36 10.75 -11.96
C GLY A 134 -14.86 9.40 -12.43
N GLY A 135 -13.98 8.40 -12.55
CA GLY A 135 -14.42 7.10 -13.04
C GLY A 135 -15.27 6.36 -12.02
N ILE A 136 -16.25 5.64 -12.52
CA ILE A 136 -17.13 4.81 -11.69
C ILE A 136 -16.66 3.37 -11.79
N ASN A 137 -16.49 2.71 -10.63
CA ASN A 137 -16.00 1.33 -10.57
C ASN A 137 -16.76 0.61 -9.45
N ASN A 138 -18.07 0.43 -9.66
CA ASN A 138 -18.87 -0.31 -8.69
C ASN A 138 -18.54 -1.79 -8.69
N GLU A 139 -17.95 -2.30 -9.77
CA GLU A 139 -17.51 -3.69 -9.79
C GLU A 139 -16.36 -3.93 -8.82
N ALA A 140 -15.58 -2.89 -8.53
CA ALA A 140 -14.46 -3.03 -7.60
C ALA A 140 -14.96 -3.31 -6.18
N CYS A 141 -16.04 -2.64 -5.78
CA CYS A 141 -16.63 -2.81 -4.45
C CYS A 141 -17.44 -4.09 -4.35
N ARG A 142 -18.11 -4.49 -5.43
CA ARG A 142 -18.71 -5.81 -5.48
C ARG A 142 -17.67 -6.91 -5.31
N ILE A 143 -16.46 -6.68 -5.81
CA ILE A 143 -15.35 -7.60 -5.58
C ILE A 143 -14.97 -7.60 -4.10
N LEU A 144 -14.91 -6.42 -3.48
CA LEU A 144 -14.53 -6.34 -2.08
C LEU A 144 -15.62 -6.90 -1.17
N LEU A 145 -16.89 -6.73 -1.53
CA LEU A 145 -17.97 -7.32 -0.74
C LEU A 145 -17.92 -8.84 -0.79
N GLN A 146 -17.69 -9.40 -1.98
CA GLN A 146 -17.50 -10.85 -2.09
C GLN A 146 -16.28 -11.31 -1.32
N TYR A 147 -15.24 -10.47 -1.25
CA TYR A 147 -14.07 -10.81 -0.45
C TYR A 147 -14.44 -10.90 1.03
N LEU A 148 -15.23 -9.95 1.52
CA LEU A 148 -15.63 -9.96 2.92
C LEU A 148 -16.46 -11.19 3.26
N LYS A 149 -17.31 -11.63 2.31
CA LYS A 149 -18.12 -12.82 2.54
C LYS A 149 -17.23 -14.06 2.62
N GLN A 150 -16.26 -14.18 1.71
CA GLN A 150 -15.33 -15.29 1.76
C GLN A 150 -14.29 -15.13 2.87
N GLU A 151 -14.19 -13.95 3.48
CA GLU A 151 -13.24 -13.74 4.57
C GLU A 151 -13.85 -13.96 5.94
N SER A 152 -15.16 -13.72 6.10
CA SER A 152 -15.80 -14.07 7.37
C SER A 152 -15.87 -15.59 7.54
N ILE A 153 -16.27 -16.30 6.49
CA ILE A 153 -15.94 -17.72 6.40
C ILE A 153 -14.43 -17.86 6.19
N ASP A 154 -13.91 -19.06 6.46
CA ASP A 154 -12.50 -19.37 6.31
C ASP A 154 -11.66 -18.75 7.44
N LYS A 155 -12.13 -17.63 8.00
CA LYS A 155 -11.48 -17.02 9.15
C LYS A 155 -12.32 -17.01 10.41
N LYS A 156 -13.65 -16.95 10.28
CA LYS A 156 -14.54 -17.01 11.44
C LYS A 156 -15.68 -18.00 11.29
N ARG A 157 -15.88 -18.58 10.10
CA ARG A 157 -16.94 -19.55 9.84
C ARG A 157 -18.32 -18.97 10.14
N LYS A 158 -18.52 -17.71 9.73
CA LYS A 158 -19.80 -17.04 9.89
C LYS A 158 -20.19 -16.43 8.55
N GLU A 159 -21.43 -16.66 8.13
CA GLU A 159 -21.95 -16.01 6.93
C GLU A 159 -22.01 -14.51 7.15
N PHE A 160 -21.24 -13.77 6.36
CA PHE A 160 -21.19 -12.32 6.52
C PHE A 160 -22.57 -11.71 6.34
N ASP A 161 -22.93 -10.78 7.23
CA ASP A 161 -24.23 -10.13 7.18
C ASP A 161 -24.14 -8.86 6.32
N THR A 162 -25.06 -8.74 5.36
CA THR A 162 -24.96 -7.72 4.33
C THR A 162 -26.18 -6.82 4.30
N ASN A 163 -26.51 -6.18 5.40
CA ASN A 163 -27.57 -5.18 5.39
C ASN A 163 -27.00 -3.79 5.23
N GLY A 164 -27.68 -2.97 4.43
CA GLY A 164 -27.27 -1.60 4.20
C GLY A 164 -25.86 -1.47 3.67
N TRP A 165 -25.26 -2.57 3.23
CA TRP A 165 -23.90 -2.49 2.74
C TRP A 165 -23.90 -1.79 1.39
N GLN A 166 -23.84 -0.47 1.44
CA GLN A 166 -23.94 0.36 0.25
C GLN A 166 -22.65 0.26 -0.57
N LEU A 167 -22.78 -0.20 -1.80
CA LEU A 167 -21.66 -0.28 -2.75
C LEU A 167 -21.87 0.83 -3.77
N PHE A 168 -21.04 1.86 -3.70
CA PHE A 168 -21.22 3.03 -4.56
C PHE A 168 -19.88 3.69 -4.82
N SER A 169 -19.89 4.59 -5.81
CA SER A 169 -18.72 5.35 -6.20
C SER A 169 -19.02 6.85 -6.07
N LYS A 170 -17.96 7.63 -5.95
CA LYS A 170 -18.09 9.08 -5.84
C LYS A 170 -18.02 9.72 -7.22
N LYS A 171 -18.79 10.80 -7.41
CA LYS A 171 -18.85 11.49 -8.68
C LYS A 171 -18.09 12.82 -8.60
N SER A 172 -18.79 13.93 -8.78
CA SER A 172 -18.22 15.26 -8.53
C SER A 172 -18.47 15.69 -7.09
N GLN A 173 -18.40 14.74 -6.16
CA GLN A 173 -18.53 15.02 -4.74
C GLN A 173 -17.18 15.01 -4.03
N ILE A 174 -16.10 14.72 -4.74
CA ILE A 174 -14.74 14.79 -4.21
C ILE A 174 -13.91 15.63 -5.18
N PRO A 175 -12.86 16.31 -4.73
CA PRO A 175 -12.06 17.12 -5.65
C PRO A 175 -11.43 16.26 -6.74
N GLN A 176 -11.38 16.82 -7.94
CA GLN A 176 -10.94 16.09 -9.12
C GLN A 176 -9.48 16.40 -9.44
N GLN A 177 -8.92 15.61 -10.36
CA GLN A 177 -7.48 15.56 -10.55
C GLN A 177 -6.94 16.83 -11.21
N MET A 178 -7.58 17.26 -12.31
CA MET A 178 -7.25 18.50 -13.02
C MET A 178 -5.92 18.43 -13.77
N ASN A 179 -5.07 17.45 -13.45
CA ASN A 179 -3.91 17.20 -14.29
C ASN A 179 -3.83 15.71 -14.63
N GLY A 180 -2.63 15.19 -14.84
CA GLY A 180 -2.49 13.79 -15.18
C GLY A 180 -1.45 13.02 -14.37
N SER A 181 -1.12 13.50 -13.18
CA SER A 181 -0.05 12.86 -12.42
C SER A 181 -0.27 12.89 -10.91
N ASP A 182 -1.15 13.79 -10.44
CA ASP A 182 -1.39 13.91 -9.00
C ASP A 182 -2.31 12.82 -8.45
N CYS A 183 -2.44 11.68 -9.14
CA CYS A 183 -3.43 10.69 -8.77
C CYS A 183 -3.12 10.05 -7.42
N GLY A 184 -1.90 9.54 -7.26
CA GLY A 184 -1.51 8.96 -5.98
C GLY A 184 -1.61 9.95 -4.84
N MET A 185 -1.44 11.24 -5.13
CA MET A 185 -1.61 12.27 -4.11
C MET A 185 -3.06 12.35 -3.66
N PHE A 186 -3.99 12.33 -4.61
CA PHE A 186 -5.41 12.35 -4.26
C PHE A 186 -5.81 11.11 -3.47
N ALA A 187 -5.29 9.95 -3.88
CA ALA A 187 -5.64 8.70 -3.20
C ALA A 187 -5.19 8.73 -1.74
N CYS A 188 -3.97 9.20 -1.49
CA CYS A 188 -3.46 9.24 -0.12
C CYS A 188 -4.15 10.34 0.70
N LYS A 189 -4.39 11.50 0.07
CA LYS A 189 -5.04 12.59 0.79
C LYS A 189 -6.52 12.30 1.04
N TYR A 190 -7.16 11.55 0.15
CA TYR A 190 -8.50 11.04 0.45
C TYR A 190 -8.50 10.25 1.74
N ALA A 191 -7.58 9.28 1.85
CA ALA A 191 -7.53 8.42 3.02
C ALA A 191 -7.15 9.19 4.28
N ASP A 192 -6.36 10.26 4.16
CA ASP A 192 -5.96 11.02 5.34
C ASP A 192 -7.18 11.64 6.02
N CYS A 193 -8.06 12.27 5.24
CA CYS A 193 -9.25 12.88 5.82
C CYS A 193 -10.27 11.81 6.24
N ILE A 194 -10.37 10.73 5.48
CA ILE A 194 -11.31 9.67 5.82
C ILE A 194 -10.92 9.00 7.13
N THR A 195 -9.63 8.72 7.32
CA THR A 195 -9.16 8.12 8.57
C THR A 195 -9.24 9.09 9.74
N LYS A 196 -9.32 10.39 9.48
CA LYS A 196 -9.52 11.39 10.51
C LYS A 196 -11.00 11.69 10.75
N ASP A 197 -11.89 11.06 10.00
CA ASP A 197 -13.32 11.32 10.08
C ASP A 197 -13.61 12.80 9.88
N ARG A 198 -12.88 13.42 8.97
CA ARG A 198 -13.02 14.82 8.61
C ARG A 198 -13.46 14.95 7.15
N PRO A 199 -14.24 15.97 6.81
CA PRO A 199 -14.65 16.14 5.42
C PRO A 199 -13.45 16.43 4.52
N ILE A 200 -13.57 16.05 3.26
CA ILE A 200 -12.52 16.27 2.28
C ILE A 200 -12.57 17.74 1.86
N ASN A 201 -11.56 18.51 2.29
CA ASN A 201 -11.57 19.95 2.12
C ASN A 201 -10.63 20.46 1.04
N PHE A 202 -9.63 19.68 0.65
CA PHE A 202 -8.60 20.17 -0.26
C PHE A 202 -9.11 20.22 -1.70
N THR A 203 -8.35 20.91 -2.54
CA THR A 203 -8.59 20.94 -3.98
C THR A 203 -7.29 20.61 -4.71
N GLN A 204 -7.29 20.77 -6.05
CA GLN A 204 -6.07 20.52 -6.80
C GLN A 204 -4.99 21.55 -6.47
N GLN A 205 -5.38 22.76 -6.06
CA GLN A 205 -4.42 23.80 -5.74
C GLN A 205 -3.56 23.49 -4.53
N HIS A 206 -3.93 22.48 -3.74
CA HIS A 206 -3.16 22.10 -2.55
C HIS A 206 -2.15 21.00 -2.83
N MET A 207 -2.18 20.39 -4.01
CA MET A 207 -1.30 19.27 -4.29
C MET A 207 0.18 19.63 -4.31
N PRO A 208 0.62 20.76 -4.88
CA PRO A 208 2.05 21.11 -4.77
C PRO A 208 2.52 21.24 -3.33
N TYR A 209 1.68 21.82 -2.46
CA TYR A 209 2.02 21.87 -1.04
C TYR A 209 1.95 20.50 -0.40
N PHE A 210 1.04 19.64 -0.87
CA PHE A 210 0.91 18.30 -0.31
C PHE A 210 2.12 17.44 -0.64
N ARG A 211 2.66 17.57 -1.85
CA ARG A 211 3.79 16.75 -2.25
C ARG A 211 5.01 17.03 -1.39
N LYS A 212 5.31 18.31 -1.16
CA LYS A 212 6.46 18.66 -0.33
C LYS A 212 6.19 18.35 1.14
N ARG A 213 4.95 18.51 1.59
CA ARG A 213 4.62 18.16 2.97
C ARG A 213 4.76 16.66 3.21
N MET A 214 4.33 15.85 2.25
CA MET A 214 4.47 14.40 2.40
C MET A 214 5.93 13.98 2.44
N VAL A 215 6.81 14.72 1.76
CA VAL A 215 8.23 14.41 1.82
C VAL A 215 8.74 14.51 3.26
N TRP A 216 8.40 15.60 3.94
CA TRP A 216 8.81 15.76 5.33
C TRP A 216 8.10 14.76 6.23
N GLU A 217 6.81 14.51 5.97
CA GLU A 217 6.04 13.58 6.80
C GLU A 217 6.63 12.17 6.70
N ILE A 218 7.08 11.77 5.52
CA ILE A 218 7.63 10.44 5.36
C ILE A 218 9.01 10.35 5.99
N LEU A 219 9.83 11.38 5.83
CA LEU A 219 11.19 11.37 6.38
C LEU A 219 11.16 11.29 7.90
N HIS A 220 10.28 12.05 8.54
CA HIS A 220 10.17 12.06 9.99
C HIS A 220 9.16 11.06 10.51
N ARG A 221 8.44 10.36 9.63
CA ARG A 221 7.45 9.35 10.01
C ARG A 221 6.40 9.95 10.94
N LYS A 222 6.06 11.22 10.72
CA LYS A 222 5.11 11.94 11.56
C LYS A 222 4.07 12.60 10.68
N LEU A 223 2.81 12.19 10.84
CA LEU A 223 1.72 12.80 10.10
C LEU A 223 1.35 14.14 10.73
N LEU A 224 1.09 15.12 9.88
CA LEU A 224 0.77 16.47 10.35
C LEU A 224 -0.74 16.71 10.32
N ASP B 1 17.00 -25.09 11.18
CA ASP B 1 18.01 -25.62 10.27
C ASP B 1 17.93 -24.95 8.90
N HIS B 2 17.58 -25.73 7.88
CA HIS B 2 17.49 -25.24 6.51
C HIS B 2 16.16 -25.70 5.91
N ILE B 3 15.61 -24.85 5.03
CA ILE B 3 14.36 -25.16 4.34
C ILE B 3 14.46 -24.69 2.90
N ASN B 4 13.81 -25.43 2.01
CA ASN B 4 13.71 -25.06 0.61
C ASN B 4 12.44 -24.25 0.37
N LEU B 5 12.46 -23.41 -0.65
CA LEU B 5 11.29 -22.66 -1.06
C LEU B 5 11.39 -22.32 -2.53
N LYS B 6 10.28 -21.88 -3.10
CA LYS B 6 10.21 -21.45 -4.48
C LYS B 6 9.89 -19.97 -4.55
N VAL B 7 10.51 -19.28 -5.50
CA VAL B 7 10.26 -17.86 -5.75
C VAL B 7 9.59 -17.78 -7.11
N ALA B 8 8.25 -17.77 -7.11
CA ALA B 8 7.49 -17.76 -8.36
C ALA B 8 7.26 -16.32 -8.81
N GLY B 9 7.64 -16.04 -10.04
CA GLY B 9 7.40 -14.73 -10.63
C GLY B 9 6.00 -14.63 -11.21
N GLN B 10 5.69 -13.43 -11.71
CA GLN B 10 4.39 -13.19 -12.30
C GLN B 10 4.20 -13.95 -13.61
N ASP B 11 5.29 -14.41 -14.23
CA ASP B 11 5.23 -15.24 -15.42
C ASP B 11 5.18 -16.73 -15.09
N GLY B 12 5.02 -17.09 -13.82
CA GLY B 12 4.95 -18.47 -13.41
C GLY B 12 6.27 -19.21 -13.38
N SER B 13 7.39 -18.50 -13.45
CA SER B 13 8.71 -19.13 -13.48
C SER B 13 9.24 -19.34 -12.08
N VAL B 14 9.83 -20.52 -11.84
CA VAL B 14 10.26 -20.94 -10.52
C VAL B 14 11.77 -20.78 -10.41
N VAL B 15 12.23 -20.32 -9.25
CA VAL B 15 13.65 -20.30 -8.90
C VAL B 15 13.78 -20.89 -7.50
N GLN B 16 14.35 -22.08 -7.40
CA GLN B 16 14.42 -22.77 -6.13
C GLN B 16 15.57 -22.25 -5.28
N PHE B 17 15.35 -22.20 -3.96
CA PHE B 17 16.34 -21.72 -3.02
C PHE B 17 16.25 -22.51 -1.72
N LYS B 18 17.40 -22.65 -1.06
CA LYS B 18 17.45 -23.08 0.33
C LYS B 18 18.13 -21.98 1.14
N ILE B 19 17.75 -21.90 2.41
CA ILE B 19 18.20 -20.84 3.30
C ILE B 19 18.30 -21.43 4.70
N LYS B 20 19.24 -20.89 5.48
CA LYS B 20 19.16 -21.01 6.91
C LYS B 20 18.11 -20.02 7.43
N ARG B 21 17.87 -20.02 8.72
CA ARG B 21 16.95 -19.09 9.34
C ARG B 21 17.67 -18.29 10.41
N HIS B 22 17.04 -17.19 10.82
CA HIS B 22 17.67 -16.12 11.59
C HIS B 22 18.81 -15.47 10.81
N THR B 23 18.84 -15.68 9.49
CA THR B 23 19.74 -14.97 8.59
C THR B 23 18.94 -14.05 7.68
N PRO B 24 19.42 -12.83 7.45
CA PRO B 24 18.68 -11.89 6.59
C PRO B 24 18.45 -12.45 5.20
N LEU B 25 17.24 -12.28 4.70
CA LEU B 25 16.90 -12.69 3.34
C LEU B 25 17.42 -11.71 2.29
N SER B 26 18.30 -10.79 2.68
CA SER B 26 18.85 -9.83 1.72
C SER B 26 19.62 -10.53 0.62
N LYS B 27 20.31 -11.62 0.95
CA LYS B 27 21.15 -12.31 -0.04
C LYS B 27 20.29 -13.07 -1.04
N LEU B 28 19.22 -13.72 -0.57
CA LEU B 28 18.30 -14.38 -1.48
C LEU B 28 17.68 -13.37 -2.46
N MET B 29 17.28 -12.20 -1.95
CA MET B 29 16.74 -11.16 -2.81
C MET B 29 17.76 -10.74 -3.86
N LYS B 30 19.02 -10.53 -3.44
CA LYS B 30 20.05 -10.09 -4.37
C LYS B 30 20.29 -11.13 -5.46
N ALA B 31 20.26 -12.41 -5.11
CA ALA B 31 20.52 -13.47 -6.09
C ALA B 31 19.42 -13.53 -7.14
N TYR B 32 18.17 -13.27 -6.74
CA TYR B 32 17.06 -13.34 -7.70
C TYR B 32 17.16 -12.24 -8.75
N CYS B 33 17.44 -11.01 -8.34
CA CYS B 33 17.55 -9.90 -9.28
C CYS B 33 18.80 -9.99 -10.14
N GLU B 34 19.86 -10.64 -9.65
CA GLU B 34 21.05 -10.84 -10.47
C GLU B 34 20.78 -11.70 -11.69
N ARG B 35 19.70 -12.49 -11.66
CA ARG B 35 19.35 -13.38 -12.76
C ARG B 35 18.40 -12.72 -13.75
N GLN B 36 17.31 -12.13 -13.24
CA GLN B 36 16.40 -11.38 -14.09
C GLN B 36 17.07 -10.16 -14.72
N GLY B 37 18.29 -9.82 -14.30
CA GLY B 37 19.01 -8.68 -14.83
C GLY B 37 18.47 -7.34 -14.42
N LEU B 38 17.32 -7.28 -13.77
CA LEU B 38 16.71 -6.02 -13.38
C LEU B 38 17.19 -5.58 -12.01
N SER B 39 17.12 -4.27 -11.78
CA SER B 39 17.46 -3.73 -10.47
C SER B 39 16.50 -4.28 -9.41
N MET B 40 16.99 -4.37 -8.18
CA MET B 40 16.13 -4.81 -7.08
C MET B 40 15.15 -3.73 -6.67
N ARG B 41 15.46 -2.45 -6.91
CA ARG B 41 14.49 -1.39 -6.72
C ARG B 41 13.28 -1.54 -7.65
N GLN B 42 13.31 -2.50 -8.57
CA GLN B 42 12.20 -2.77 -9.47
C GLN B 42 11.29 -3.89 -8.98
N ILE B 43 11.79 -4.76 -8.11
CA ILE B 43 11.08 -5.97 -7.72
C ILE B 43 10.79 -5.92 -6.22
N ARG B 44 9.60 -6.39 -5.85
CA ARG B 44 9.19 -6.51 -4.46
C ARG B 44 9.01 -7.98 -4.12
N PHE B 45 9.68 -8.44 -3.07
CA PHE B 45 9.66 -9.84 -2.65
C PHE B 45 8.72 -9.98 -1.46
N ARG B 46 7.52 -10.50 -1.70
CA ARG B 46 6.48 -10.55 -0.67
C ARG B 46 6.10 -12.01 -0.43
N PHE B 47 6.02 -12.40 0.85
CA PHE B 47 5.61 -13.74 1.24
C PHE B 47 4.26 -13.68 1.93
N ASP B 48 3.28 -14.42 1.39
CA ASP B 48 1.94 -14.48 1.95
C ASP B 48 1.36 -13.08 2.18
N GLY B 49 1.71 -12.15 1.28
CA GLY B 49 1.25 -10.78 1.39
C GLY B 49 2.13 -9.86 2.22
N GLN B 50 3.18 -10.37 2.85
CA GLN B 50 4.00 -9.57 3.75
C GLN B 50 5.26 -9.13 3.04
N PRO B 51 5.54 -7.83 2.98
CA PRO B 51 6.81 -7.36 2.39
C PRO B 51 8.03 -7.91 3.13
N ILE B 52 8.88 -8.62 2.39
CA ILE B 52 10.14 -9.11 2.92
C ILE B 52 11.18 -8.02 2.75
N ASN B 53 11.59 -7.40 3.85
CA ASN B 53 12.71 -6.49 3.81
C ASN B 53 14.01 -7.25 4.04
N GLU B 54 15.13 -6.55 3.84
CA GLU B 54 16.43 -7.19 3.92
C GLU B 54 16.75 -7.73 5.32
N THR B 55 16.12 -7.18 6.35
CA THR B 55 16.35 -7.67 7.71
C THR B 55 15.44 -8.82 8.10
N ASP B 56 14.40 -9.09 7.32
CA ASP B 56 13.49 -10.19 7.63
C ASP B 56 14.20 -11.53 7.46
N THR B 57 13.87 -12.48 8.33
CA THR B 57 14.37 -13.84 8.27
C THR B 57 13.20 -14.81 8.18
N PRO B 58 13.43 -16.02 7.67
CA PRO B 58 12.34 -17.01 7.63
C PRO B 58 11.86 -17.44 9.01
N ALA B 59 12.59 -17.11 10.07
CA ALA B 59 12.13 -17.44 11.42
C ALA B 59 11.02 -16.50 11.86
N GLN B 60 11.26 -15.19 11.80
CA GLN B 60 10.22 -14.23 12.18
C GLN B 60 9.03 -14.31 11.24
N LEU B 61 9.28 -14.49 9.94
CA LEU B 61 8.19 -14.77 9.03
C LEU B 61 7.68 -16.19 9.26
N GLU B 62 6.45 -16.44 8.82
CA GLU B 62 5.79 -17.72 9.01
C GLU B 62 6.40 -18.85 8.19
N MET B 63 7.36 -18.54 7.32
CA MET B 63 7.81 -19.47 6.29
C MET B 63 8.21 -20.84 6.85
N GLU B 64 7.62 -21.88 6.29
CA GLU B 64 8.01 -23.26 6.57
C GLU B 64 8.56 -23.90 5.30
N ASP B 65 8.55 -25.23 5.24
CA ASP B 65 9.12 -25.91 4.08
C ASP B 65 8.22 -25.78 2.86
N GLU B 66 8.84 -25.79 1.68
CA GLU B 66 8.15 -25.76 0.39
C GLU B 66 7.25 -24.54 0.24
N ASP B 67 7.56 -23.46 0.94
CA ASP B 67 6.77 -22.25 0.85
C ASP B 67 7.09 -21.49 -0.44
N THR B 68 6.25 -20.50 -0.76
CA THR B 68 6.35 -19.76 -2.00
C THR B 68 6.46 -18.27 -1.71
N ILE B 69 7.34 -17.60 -2.44
CA ILE B 69 7.53 -16.15 -2.34
C ILE B 69 7.04 -15.53 -3.65
N ASP B 70 5.92 -14.82 -3.58
CA ASP B 70 5.42 -14.11 -4.74
C ASP B 70 6.30 -12.91 -5.05
N VAL B 71 6.51 -12.65 -6.34
CA VAL B 71 7.35 -11.55 -6.81
C VAL B 71 6.48 -10.60 -7.61
N PHE B 72 6.48 -9.32 -7.21
CA PHE B 72 5.74 -8.28 -7.90
C PHE B 72 6.70 -7.17 -8.32
N GLN B 73 6.27 -6.39 -9.30
CA GLN B 73 7.08 -5.30 -9.83
C GLN B 73 6.53 -3.96 -9.37
N GLN B 74 7.31 -2.91 -9.62
CA GLN B 74 6.94 -1.57 -9.16
C GLN B 74 5.68 -1.09 -9.85
N GLN B 75 4.82 -0.41 -9.10
CA GLN B 75 3.61 0.19 -9.61
C GLN B 75 3.76 1.70 -9.61
N THR B 76 3.71 2.31 -10.79
CA THR B 76 3.64 3.76 -10.92
C THR B 76 2.24 4.14 -11.41
N GLY B 77 1.88 5.40 -11.16
CA GLY B 77 0.56 5.85 -11.55
C GLY B 77 0.38 7.36 -11.48
N GLY B 78 -0.32 7.91 -12.45
CA GLY B 78 -0.60 9.33 -12.48
C GLY B 78 -2.01 9.65 -12.93
#